data_6E1F
#
_entry.id   6E1F
#
_cell.length_a   49.957
_cell.length_b   57.514
_cell.length_c   97.019
_cell.angle_alpha   90.00
_cell.angle_beta   90.00
_cell.angle_gamma   90.00
#
_symmetry.space_group_name_H-M   'P 21 21 21'
#
loop_
_entity.id
_entity.type
_entity.pdbx_description
1 polymer 'Lysine-specific histone demethylase 1A'
2 non-polymer 'SULFATE ION'
3 water water
#
_entity_poly.entity_id   1
_entity_poly.type   'polypeptide(L)'
_entity_poly.pdbx_seq_one_letter_code
;GPGSLPHDRMTSQEAACFPDIISGPQQTQKVFLFIRNRTLQLWLDNPKIQLTFEATLQQLEAPYNSDTVLVHRVHSYLER
HGLINFGIY
;
_entity_poly.pdbx_strand_id   A,B,C,D
#
loop_
_chem_comp.id
_chem_comp.type
_chem_comp.name
_chem_comp.formula
SO4 non-polymer 'SULFATE ION' 'O4 S -2'
#
# COMPACT_ATOMS: atom_id res chain seq x y z
N GLY A 1 -9.29 3.51 28.36
CA GLY A 1 -9.43 4.85 27.69
C GLY A 1 -8.73 4.86 26.34
N PRO A 2 -8.40 6.07 25.81
CA PRO A 2 -7.75 6.19 24.50
C PRO A 2 -6.42 5.41 24.42
N GLY A 3 -5.78 5.24 25.58
CA GLY A 3 -4.51 4.53 25.66
C GLY A 3 -4.67 3.03 25.59
N SER A 4 -5.92 2.48 25.66
CA SER A 4 -6.02 1.06 25.86
C SER A 4 -5.59 0.25 24.64
N LEU A 5 -6.05 0.64 23.46
CA LEU A 5 -5.77 -0.05 22.20
C LEU A 5 -5.42 1.00 21.13
N PRO A 6 -4.27 1.63 21.31
CA PRO A 6 -3.88 2.70 20.42
C PRO A 6 -3.48 2.15 19.04
N HIS A 7 -3.66 2.95 17.99
CA HIS A 7 -3.34 2.51 16.65
C HIS A 7 -1.84 2.25 16.45
N ASP A 8 -0.99 2.92 17.26
CA ASP A 8 0.45 2.99 17.01
C ASP A 8 1.30 2.29 18.08
N ARG A 9 0.71 1.46 18.92
CA ARG A 9 1.49 0.72 19.88
C ARG A 9 0.82 -0.61 20.20
N MET A 10 1.65 -1.67 20.36
CA MET A 10 1.16 -2.97 20.80
C MET A 10 0.84 -2.94 22.30
N THR A 11 -0.18 -3.71 22.67
CA THR A 11 -0.62 -3.79 24.08
C THR A 11 -0.01 -5.00 24.80
N SER A 12 -0.23 -5.03 26.11
CA SER A 12 0.31 -6.20 26.85
C SER A 12 -0.46 -7.46 26.55
N GLN A 13 -1.77 -7.39 26.26
CA GLN A 13 -2.47 -8.62 25.88
CA GLN A 13 -2.54 -8.58 25.83
C GLN A 13 -1.89 -9.13 24.54
N GLU A 14 -1.55 -8.20 23.63
CA GLU A 14 -0.92 -8.58 22.37
C GLU A 14 0.48 -9.14 22.62
N ALA A 15 1.20 -8.51 23.52
CA ALA A 15 2.60 -8.95 23.82
C ALA A 15 2.61 -10.43 24.24
N ALA A 16 1.60 -10.86 25.02
CA ALA A 16 1.53 -12.26 25.47
C ALA A 16 1.39 -13.26 24.31
N CYS A 17 0.77 -12.83 23.21
CA CYS A 17 0.52 -13.69 22.08
C CYS A 17 1.49 -13.45 20.92
N PHE A 18 2.27 -12.34 21.00
CA PHE A 18 3.19 -11.93 19.94
C PHE A 18 4.52 -11.52 20.52
N PRO A 19 5.12 -12.33 21.43
CA PRO A 19 6.36 -11.90 22.08
C PRO A 19 7.49 -11.71 21.08
N ASP A 20 7.49 -12.52 20.03
CA ASP A 20 8.43 -12.46 18.95
C ASP A 20 8.34 -11.12 18.19
N ILE A 21 7.14 -10.55 18.07
CA ILE A 21 6.93 -9.31 17.33
CA ILE A 21 6.93 -9.31 17.33
C ILE A 21 7.30 -8.11 18.20
N ILE A 22 6.78 -8.08 19.44
CA ILE A 22 6.96 -6.89 20.27
C ILE A 22 8.45 -6.74 20.66
N SER A 23 9.19 -7.85 20.70
CA SER A 23 10.58 -7.93 21.02
CA SER A 23 10.60 -7.78 21.06
C SER A 23 11.47 -7.55 19.82
N GLY A 24 10.86 -7.56 18.64
CA GLY A 24 11.62 -7.60 17.40
C GLY A 24 11.62 -6.26 16.68
N PRO A 25 12.11 -6.22 15.42
CA PRO A 25 12.29 -4.99 14.66
C PRO A 25 10.99 -4.20 14.49
N GLN A 26 11.13 -2.88 14.56
CA GLN A 26 10.08 -1.94 14.62
C GLN A 26 9.21 -2.08 13.37
N GLN A 27 9.84 -2.32 12.21
CA GLN A 27 9.08 -2.29 10.97
C GLN A 27 8.11 -3.48 10.93
N THR A 28 8.46 -4.60 11.57
CA THR A 28 7.53 -5.74 11.67
C THR A 28 6.43 -5.45 12.71
N GLN A 29 6.78 -4.66 13.75
CA GLN A 29 5.71 -4.18 14.66
C GLN A 29 4.71 -3.35 13.87
N LYS A 30 5.18 -2.49 12.96
CA LYS A 30 4.26 -1.67 12.19
C LYS A 30 3.36 -2.52 11.28
N VAL A 31 3.89 -3.62 10.71
CA VAL A 31 3.10 -4.54 9.92
C VAL A 31 1.98 -5.16 10.79
N PHE A 32 2.35 -5.69 11.96
CA PHE A 32 1.39 -6.22 12.90
C PHE A 32 0.27 -5.20 13.16
N LEU A 33 0.67 -3.96 13.47
CA LEU A 33 -0.28 -2.95 13.83
C LEU A 33 -1.23 -2.66 12.67
N PHE A 34 -0.69 -2.55 11.46
CA PHE A 34 -1.55 -2.30 10.31
C PHE A 34 -2.59 -3.41 10.13
N ILE A 35 -2.13 -4.66 10.22
CA ILE A 35 -3.03 -5.81 10.08
C ILE A 35 -4.10 -5.74 11.18
N ARG A 36 -3.68 -5.56 12.43
CA ARG A 36 -4.65 -5.50 13.53
C ARG A 36 -5.65 -4.37 13.34
N ASN A 37 -5.15 -3.19 12.97
CA ASN A 37 -6.02 -2.05 12.82
C ASN A 37 -7.02 -2.26 11.67
N ARG A 38 -6.54 -2.77 10.53
CA ARG A 38 -7.46 -2.98 9.40
C ARG A 38 -8.49 -4.05 9.70
N THR A 39 -8.06 -5.13 10.38
CA THR A 39 -9.00 -6.20 10.71
C THR A 39 -10.12 -5.66 11.62
N LEU A 40 -9.73 -4.89 12.62
CA LEU A 40 -10.72 -4.28 13.50
C LEU A 40 -11.63 -3.32 12.73
N GLN A 41 -11.06 -2.49 11.84
CA GLN A 41 -11.88 -1.57 11.06
C GLN A 41 -12.88 -2.33 10.17
N LEU A 42 -12.44 -3.43 9.54
CA LEU A 42 -13.34 -4.23 8.72
C LEU A 42 -14.50 -4.76 9.55
N TRP A 43 -14.18 -5.29 10.73
CA TRP A 43 -15.22 -5.82 11.65
C TRP A 43 -16.19 -4.72 12.05
N LEU A 44 -15.64 -3.59 12.52
CA LEU A 44 -16.51 -2.56 13.08
C LEU A 44 -17.33 -1.83 12.01
N ASP A 45 -16.90 -1.88 10.75
CA ASP A 45 -17.71 -1.36 9.66
C ASP A 45 -18.88 -2.30 9.36
N ASN A 46 -18.84 -3.57 9.79
CA ASN A 46 -19.94 -4.51 9.47
CA ASN A 46 -19.73 -4.58 9.42
C ASN A 46 -20.00 -5.55 10.58
N PRO A 47 -20.40 -5.13 11.79
CA PRO A 47 -20.30 -6.03 12.94
C PRO A 47 -21.50 -6.98 13.06
N LYS A 48 -22.25 -7.16 12.00
CA LYS A 48 -23.40 -8.06 12.00
C LYS A 48 -23.15 -9.30 11.16
N ILE A 49 -21.95 -9.51 10.62
CA ILE A 49 -21.65 -10.83 10.03
C ILE A 49 -20.23 -11.20 10.40
N GLN A 50 -19.99 -12.49 10.29
CA GLN A 50 -18.71 -13.06 10.63
C GLN A 50 -17.63 -12.54 9.67
N LEU A 51 -16.53 -11.97 10.22
CA LEU A 51 -15.35 -11.62 9.47
C LEU A 51 -14.38 -12.78 9.52
N THR A 52 -14.24 -13.48 8.38
CA THR A 52 -13.37 -14.66 8.38
C THR A 52 -11.93 -14.26 8.09
N PHE A 53 -11.02 -15.21 8.38
CA PHE A 53 -9.62 -15.02 8.01
C PHE A 53 -9.48 -14.79 6.49
N GLU A 54 -10.11 -15.64 5.71
CA GLU A 54 -9.97 -15.50 4.25
C GLU A 54 -10.51 -14.18 3.76
N ALA A 55 -11.65 -13.72 4.30
CA ALA A 55 -12.20 -12.43 3.85
C ALA A 55 -11.28 -11.29 4.23
N THR A 56 -10.66 -11.38 5.42
CA THR A 56 -9.71 -10.36 5.86
C THR A 56 -8.52 -10.29 4.89
N LEU A 57 -7.96 -11.46 4.63
CA LEU A 57 -6.78 -11.54 3.77
C LEU A 57 -7.09 -10.99 2.36
N GLN A 58 -8.30 -11.28 1.85
CA GLN A 58 -8.65 -10.77 0.52
C GLN A 58 -8.83 -9.24 0.49
N GLN A 59 -9.08 -8.64 1.65
CA GLN A 59 -9.29 -7.22 1.77
C GLN A 59 -8.05 -6.46 2.26
N LEU A 60 -6.91 -7.11 2.41
CA LEU A 60 -5.67 -6.46 2.72
C LEU A 60 -4.85 -6.27 1.46
N GLU A 61 -4.35 -5.07 1.27
CA GLU A 61 -3.57 -4.76 0.09
C GLU A 61 -2.13 -5.24 0.29
N ALA A 62 -1.40 -5.37 -0.81
CA ALA A 62 0.00 -5.69 -0.74
C ALA A 62 0.71 -4.53 -0.02
N PRO A 63 1.74 -4.80 0.79
CA PRO A 63 2.35 -6.10 0.98
C PRO A 63 1.79 -6.92 2.14
N TYR A 64 0.76 -6.39 2.81
CA TYR A 64 0.26 -6.99 4.03
C TYR A 64 -0.34 -8.36 3.77
N ASN A 65 -0.89 -8.57 2.60
CA ASN A 65 -1.43 -9.86 2.32
C ASN A 65 -0.39 -10.92 1.98
N SER A 66 0.89 -10.57 2.00
CA SER A 66 1.96 -11.49 1.65
C SER A 66 2.28 -12.43 2.80
N ASP A 67 2.23 -11.96 4.06
CA ASP A 67 2.62 -12.77 5.21
C ASP A 67 1.33 -13.37 5.74
N THR A 68 0.94 -14.46 5.10
CA THR A 68 -0.34 -15.04 5.42
C THR A 68 -0.33 -15.66 6.81
N VAL A 69 0.81 -16.16 7.29
CA VAL A 69 0.87 -16.71 8.64
C VAL A 69 0.60 -15.59 9.66
N LEU A 70 1.21 -14.43 9.46
CA LEU A 70 1.00 -13.33 10.40
C LEU A 70 -0.47 -12.87 10.34
N VAL A 71 -1.02 -12.72 9.14
CA VAL A 71 -2.43 -12.30 9.07
C VAL A 71 -3.30 -13.31 9.82
N HIS A 72 -3.04 -14.61 9.62
CA HIS A 72 -3.85 -15.61 10.28
C HIS A 72 -3.70 -15.51 11.79
N ARG A 73 -2.46 -15.31 12.28
CA ARG A 73 -2.26 -15.15 13.70
C ARG A 73 -3.03 -13.96 14.25
N VAL A 74 -2.96 -12.82 13.58
CA VAL A 74 -3.66 -11.64 14.08
C VAL A 74 -5.17 -11.90 14.12
N HIS A 75 -5.72 -12.43 13.01
CA HIS A 75 -7.15 -12.70 12.96
C HIS A 75 -7.56 -13.67 14.08
N SER A 76 -6.78 -14.74 14.26
N SER A 76 -6.78 -14.73 14.26
CA SER A 76 -7.07 -15.74 15.30
CA SER A 76 -7.07 -15.74 15.29
C SER A 76 -7.02 -15.09 16.69
C SER A 76 -7.01 -15.10 16.68
N TYR A 77 -5.96 -14.31 16.95
CA TYR A 77 -5.81 -13.61 18.22
C TYR A 77 -7.09 -12.77 18.49
N LEU A 78 -7.47 -11.93 17.49
CA LEU A 78 -8.59 -11.02 17.68
C LEU A 78 -9.90 -11.78 17.96
N GLU A 79 -10.15 -12.85 17.16
CA GLU A 79 -11.35 -13.62 17.34
C GLU A 79 -11.30 -14.35 18.71
N ARG A 80 -10.19 -14.99 19.03
CA ARG A 80 -10.09 -15.80 20.27
C ARG A 80 -10.21 -14.90 21.48
N HIS A 81 -9.81 -13.64 21.41
CA HIS A 81 -9.91 -12.72 22.53
C HIS A 81 -11.22 -11.92 22.53
N GLY A 82 -12.08 -12.09 21.49
CA GLY A 82 -13.37 -11.51 21.46
C GLY A 82 -13.46 -10.11 20.85
N LEU A 83 -12.39 -9.61 20.26
CA LEU A 83 -12.41 -8.24 19.70
C LEU A 83 -13.10 -8.17 18.34
N ILE A 84 -13.19 -9.30 17.63
CA ILE A 84 -14.03 -9.44 16.43
C ILE A 84 -14.93 -10.65 16.63
N ASN A 85 -16.02 -10.68 15.87
CA ASN A 85 -16.91 -11.83 15.71
C ASN A 85 -17.73 -12.18 16.96
N PHE A 86 -17.88 -11.28 17.93
CA PHE A 86 -18.82 -11.52 19.00
C PHE A 86 -20.26 -11.51 18.46
N GLY A 87 -20.96 -12.57 18.83
CA GLY A 87 -22.37 -12.73 18.69
C GLY A 87 -22.92 -12.98 17.33
N ILE A 88 -22.10 -13.35 16.35
CA ILE A 88 -22.58 -13.32 14.91
C ILE A 88 -22.71 -14.70 14.26
N TYR A 89 -22.95 -15.78 15.00
CA TYR A 89 -22.88 -17.09 14.33
C TYR A 89 -24.25 -17.46 13.74
N GLY B 1 -18.63 23.51 11.59
CA GLY B 1 -18.70 22.75 10.35
C GLY B 1 -17.53 23.06 9.41
N PRO B 2 -17.55 22.42 8.21
CA PRO B 2 -16.48 22.55 7.22
C PRO B 2 -16.19 23.98 6.79
N GLY B 3 -17.22 24.84 6.80
CA GLY B 3 -17.13 26.21 6.29
C GLY B 3 -16.13 27.08 7.09
N SER B 4 -15.82 26.72 8.34
CA SER B 4 -14.87 27.51 9.11
C SER B 4 -13.49 26.85 9.23
N LEU B 5 -13.37 25.60 8.78
CA LEU B 5 -12.19 24.77 9.09
C LEU B 5 -11.00 25.32 8.33
N PRO B 6 -9.81 25.36 8.94
CA PRO B 6 -8.63 25.84 8.22
C PRO B 6 -8.14 24.74 7.27
N HIS B 7 -8.02 25.04 5.99
CA HIS B 7 -7.58 24.06 5.04
C HIS B 7 -6.10 23.73 5.20
N ASP B 8 -5.34 24.58 5.91
CA ASP B 8 -3.88 24.49 5.91
C ASP B 8 -3.28 24.10 7.25
N ARG B 9 -4.09 23.77 8.25
CA ARG B 9 -3.49 23.35 9.52
C ARG B 9 -4.49 22.48 10.28
N MET B 10 -3.93 21.66 11.18
CA MET B 10 -4.77 20.79 12.03
C MET B 10 -5.41 21.64 13.12
N THR B 11 -6.63 21.29 13.50
CA THR B 11 -7.33 21.91 14.59
C THR B 11 -6.92 21.28 15.93
N SER B 12 -7.29 21.97 17.01
CA SER B 12 -7.00 21.37 18.32
CA SER B 12 -7.11 21.42 18.36
C SER B 12 -7.77 20.05 18.53
N GLN B 13 -9.01 19.97 18.04
CA GLN B 13 -9.76 18.71 18.17
C GLN B 13 -9.09 17.59 17.36
N GLU B 14 -8.55 17.93 16.18
CA GLU B 14 -7.84 16.93 15.38
C GLU B 14 -6.55 16.48 16.08
N ALA B 15 -5.86 17.43 16.71
CA ALA B 15 -4.64 17.09 17.42
C ALA B 15 -4.93 16.02 18.49
N ALA B 16 -6.02 16.21 19.23
CA ALA B 16 -6.40 15.26 20.26
C ALA B 16 -6.77 13.87 19.72
N CYS B 17 -7.33 13.79 18.51
CA CYS B 17 -7.81 12.55 17.94
CA CYS B 17 -7.77 12.52 17.97
C CYS B 17 -6.73 11.85 17.05
N PHE B 18 -5.68 12.58 16.70
CA PHE B 18 -4.59 12.05 15.88
C PHE B 18 -3.24 12.33 16.51
N PRO B 19 -3.03 11.82 17.74
CA PRO B 19 -1.84 12.16 18.51
C PRO B 19 -0.54 11.74 17.82
N ASP B 20 -0.63 10.62 17.09
CA ASP B 20 0.47 10.05 16.35
C ASP B 20 0.82 10.90 15.11
N ILE B 21 -0.11 11.68 14.57
CA ILE B 21 0.15 12.57 13.43
C ILE B 21 0.70 13.91 13.91
N ILE B 22 0.02 14.51 14.88
CA ILE B 22 0.33 15.87 15.32
C ILE B 22 1.70 15.92 16.03
N SER B 23 2.22 14.81 16.55
N SER B 23 2.26 14.74 16.43
CA SER B 23 3.48 14.84 17.26
CA SER B 23 3.61 14.43 17.06
C SER B 23 4.64 15.08 16.30
C SER B 23 4.61 13.65 16.17
N GLY B 24 4.42 14.97 14.99
N GLY B 24 4.20 13.25 14.95
CA GLY B 24 5.48 15.29 14.04
CA GLY B 24 5.02 12.47 13.94
C GLY B 24 5.51 16.78 13.65
C GLY B 24 5.68 13.32 12.85
N PRO B 25 6.67 17.24 13.12
N PRO B 25 6.31 12.71 11.82
CA PRO B 25 6.82 18.62 12.62
CA PRO B 25 7.01 13.47 10.78
C PRO B 25 5.71 19.01 11.65
C PRO B 25 6.13 14.56 10.15
N GLN B 26 5.42 20.32 11.55
N GLN B 26 6.77 15.44 9.36
CA GLN B 26 4.31 20.83 10.75
CA GLN B 26 5.93 16.48 8.72
C GLN B 26 4.30 20.24 9.34
C GLN B 26 5.10 15.85 7.62
N GLN B 27 5.45 20.18 8.68
N GLN B 27 5.74 14.92 6.94
CA GLN B 27 5.45 19.74 7.26
CA GLN B 27 5.24 14.20 5.80
C GLN B 27 4.97 18.27 7.14
C GLN B 27 3.80 13.77 6.09
N THR B 28 5.21 17.43 8.16
N THR B 28 3.61 13.11 7.22
CA THR B 28 4.82 16.01 8.11
CA THR B 28 2.34 12.51 7.57
C THR B 28 3.31 15.85 8.30
C THR B 28 1.32 13.56 8.02
N GLN B 29 2.60 16.90 8.77
N GLN B 29 1.74 14.64 8.64
CA GLN B 29 1.12 16.82 9.02
CA GLN B 29 0.78 15.70 8.94
C GLN B 29 0.29 17.01 7.73
C GLN B 29 0.19 16.36 7.69
N LYS B 30 0.94 17.40 6.63
N LYS B 30 1.04 16.66 6.69
CA LYS B 30 0.21 17.72 5.38
CA LYS B 30 0.51 17.41 5.51
C LYS B 30 -0.40 16.50 4.65
C LYS B 30 -0.37 16.47 4.70
N VAL B 31 0.08 15.25 4.74
CA VAL B 31 -0.62 14.12 4.18
C VAL B 31 -2.02 13.97 4.82
N PHE B 32 -2.08 14.00 6.14
CA PHE B 32 -3.34 14.02 6.88
C PHE B 32 -4.23 15.15 6.33
N LEU B 33 -3.69 16.36 6.20
CA LEU B 33 -4.52 17.48 5.80
C LEU B 33 -5.07 17.29 4.38
N PHE B 34 -4.26 16.75 3.46
CA PHE B 34 -4.74 16.52 2.12
C PHE B 34 -5.92 15.53 2.14
N ILE B 35 -5.75 14.42 2.88
CA ILE B 35 -6.80 13.43 2.98
C ILE B 35 -8.08 14.03 3.58
N ARG B 36 -7.93 14.77 4.66
CA ARG B 36 -9.05 15.41 5.31
C ARG B 36 -9.77 16.38 4.35
N ASN B 37 -8.98 17.23 3.70
CA ASN B 37 -9.58 18.22 2.79
C ASN B 37 -10.30 17.53 1.62
N ARG B 38 -9.70 16.52 1.02
CA ARG B 38 -10.31 15.84 -0.09
C ARG B 38 -11.60 15.16 0.31
N THR B 39 -11.58 14.46 1.46
CA THR B 39 -12.77 13.76 1.90
C THR B 39 -13.92 14.73 2.12
N LEU B 40 -13.63 15.87 2.77
N LEU B 40 -13.63 15.86 2.78
CA LEU B 40 -14.65 16.86 3.01
CA LEU B 40 -14.64 16.90 2.97
C LEU B 40 -15.21 17.40 1.66
C LEU B 40 -15.23 17.38 1.65
N GLN B 41 -14.35 17.70 0.69
CA GLN B 41 -14.83 18.20 -0.58
C GLN B 41 -15.69 17.21 -1.31
N LEU B 42 -15.31 15.92 -1.28
CA LEU B 42 -16.10 14.89 -1.93
C LEU B 42 -17.52 14.87 -1.38
N TRP B 43 -17.65 14.93 -0.07
N TRP B 43 -17.67 14.94 -0.07
CA TRP B 43 -18.97 14.98 0.56
CA TRP B 43 -19.02 14.96 0.52
C TRP B 43 -19.73 16.25 0.18
C TRP B 43 -19.74 16.27 0.19
N LEU B 44 -19.07 17.41 0.40
CA LEU B 44 -19.75 18.69 0.25
C LEU B 44 -20.31 18.86 -1.15
N ASP B 45 -19.59 18.35 -2.15
CA ASP B 45 -20.01 18.49 -3.52
C ASP B 45 -21.07 17.49 -3.95
N ASN B 46 -21.29 16.47 -3.11
CA ASN B 46 -22.27 15.39 -3.44
C ASN B 46 -23.00 14.99 -2.15
N PRO B 47 -23.70 15.92 -1.46
CA PRO B 47 -24.14 15.62 -0.09
C PRO B 47 -25.46 14.86 -0.02
N LYS B 48 -26.03 14.44 -1.18
CA LYS B 48 -27.25 13.69 -1.20
C LYS B 48 -27.03 12.18 -1.09
N ILE B 49 -25.76 11.74 -1.12
CA ILE B 49 -25.49 10.34 -0.94
CA ILE B 49 -25.34 10.34 -1.06
C ILE B 49 -24.42 10.20 0.14
N GLN B 50 -24.55 9.12 0.91
CA GLN B 50 -23.60 8.84 1.95
C GLN B 50 -22.24 8.54 1.32
N LEU B 51 -21.22 9.24 1.76
CA LEU B 51 -19.85 9.04 1.32
C LEU B 51 -19.20 7.99 2.23
N THR B 52 -18.89 6.83 1.66
CA THR B 52 -18.28 5.76 2.45
C THR B 52 -16.76 5.90 2.47
N PHE B 53 -16.15 5.14 3.39
CA PHE B 53 -14.68 4.99 3.42
C PHE B 53 -14.19 4.45 2.09
N GLU B 54 -14.79 3.38 1.59
CA GLU B 54 -14.32 2.72 0.38
C GLU B 54 -14.47 3.66 -0.82
N ALA B 55 -15.54 4.44 -0.87
CA ALA B 55 -15.71 5.38 -2.00
C ALA B 55 -14.66 6.50 -1.93
N THR B 56 -14.33 6.93 -0.71
CA THR B 56 -13.31 7.95 -0.52
C THR B 56 -11.97 7.40 -1.02
N LEU B 57 -11.64 6.19 -0.61
CA LEU B 57 -10.37 5.57 -0.99
C LEU B 57 -10.23 5.47 -2.51
N GLN B 58 -11.34 5.15 -3.21
CA GLN B 58 -11.33 5.00 -4.65
C GLN B 58 -11.09 6.35 -5.36
N GLN B 59 -11.50 7.46 -4.74
CA GLN B 59 -11.34 8.79 -5.35
C GLN B 59 -10.04 9.48 -4.96
N LEU B 60 -9.33 8.93 -3.99
CA LEU B 60 -8.13 9.57 -3.52
C LEU B 60 -6.98 9.26 -4.41
N GLU B 61 -6.16 10.30 -4.54
CA GLU B 61 -4.90 10.28 -5.25
C GLU B 61 -3.85 9.40 -4.52
N ALA B 62 -3.14 8.58 -5.27
CA ALA B 62 -1.93 7.95 -4.79
C ALA B 62 -0.86 9.02 -4.62
N PRO B 63 0.01 8.92 -3.60
CA PRO B 63 0.17 7.85 -2.63
C PRO B 63 -0.71 8.00 -1.39
N TYR B 64 -1.58 9.01 -1.35
CA TYR B 64 -2.52 9.22 -0.26
C TYR B 64 -3.45 8.02 -0.06
N ASN B 65 -3.83 7.32 -1.12
CA ASN B 65 -4.76 6.14 -1.07
C ASN B 65 -4.07 4.92 -0.50
N SER B 66 -2.77 4.97 -0.16
CA SER B 66 -2.09 3.74 0.24
C SER B 66 -2.10 3.57 1.76
N ASP B 67 -2.30 4.63 2.56
CA ASP B 67 -2.33 4.37 4.02
C ASP B 67 -3.80 4.24 4.38
N THR B 68 -4.27 3.02 4.15
CA THR B 68 -5.63 2.71 4.30
CA THR B 68 -5.72 2.77 4.26
C THR B 68 -6.18 2.97 5.71
N VAL B 69 -5.37 2.60 6.71
CA VAL B 69 -5.74 2.83 8.10
C VAL B 69 -5.97 4.32 8.38
N LEU B 70 -5.04 5.16 7.93
CA LEU B 70 -5.19 6.60 8.18
C LEU B 70 -6.43 7.14 7.45
N VAL B 71 -6.63 6.75 6.19
CA VAL B 71 -7.82 7.24 5.47
C VAL B 71 -9.07 6.84 6.25
N HIS B 72 -9.14 5.61 6.76
CA HIS B 72 -10.33 5.17 7.50
C HIS B 72 -10.51 6.05 8.75
N ARG B 73 -9.41 6.31 9.48
CA ARG B 73 -9.50 7.16 10.67
C ARG B 73 -9.96 8.58 10.34
N VAL B 74 -9.45 9.16 9.25
CA VAL B 74 -9.86 10.53 8.90
C VAL B 74 -11.35 10.54 8.56
N HIS B 75 -11.79 9.60 7.72
CA HIS B 75 -13.20 9.49 7.34
C HIS B 75 -14.08 9.37 8.57
N SER B 76 -13.68 8.47 9.48
CA SER B 76 -14.48 8.22 10.70
C SER B 76 -14.55 9.46 11.58
N TYR B 77 -13.43 10.17 11.72
CA TYR B 77 -13.40 11.42 12.50
C TYR B 77 -14.38 12.42 11.93
N LEU B 78 -14.32 12.63 10.60
CA LEU B 78 -15.17 13.63 9.97
C LEU B 78 -16.66 13.27 10.17
N GLU B 79 -16.95 11.98 10.01
CA GLU B 79 -18.34 11.53 10.15
C GLU B 79 -18.81 11.67 11.61
N ARG B 80 -17.98 11.28 12.58
CA ARG B 80 -18.37 11.31 13.98
C ARG B 80 -18.76 12.71 14.44
N HIS B 81 -18.04 13.72 13.93
CA HIS B 81 -18.29 15.11 14.27
C HIS B 81 -19.30 15.82 13.37
N GLY B 82 -19.95 15.06 12.46
CA GLY B 82 -21.00 15.60 11.66
C GLY B 82 -20.52 16.44 10.49
N LEU B 83 -19.23 16.37 10.16
CA LEU B 83 -18.66 17.17 9.05
C LEU B 83 -18.92 16.54 7.69
N ILE B 84 -19.09 15.21 7.63
CA ILE B 84 -19.63 14.52 6.46
C ILE B 84 -20.78 13.66 6.92
N ASN B 85 -21.66 13.33 5.95
CA ASN B 85 -22.74 12.32 6.10
C ASN B 85 -23.79 12.71 7.15
N PHE B 86 -23.78 13.97 7.57
CA PHE B 86 -24.64 14.43 8.68
C PHE B 86 -24.39 13.60 9.93
N GLY B 87 -23.19 13.00 10.03
CA GLY B 87 -22.88 12.16 11.18
C GLY B 87 -23.68 10.89 11.28
N ILE B 88 -24.33 10.45 10.18
CA ILE B 88 -25.20 9.30 10.18
C ILE B 88 -24.53 8.19 9.38
N TYR B 89 -24.37 7.04 9.98
CA TYR B 89 -23.93 5.90 9.22
C TYR B 89 -24.81 4.69 9.53
N GLY C 1 22.66 -12.27 -16.97
CA GLY C 1 21.43 -12.81 -17.60
C GLY C 1 20.19 -12.48 -16.77
N PRO C 2 19.07 -13.23 -17.00
CA PRO C 2 17.80 -13.00 -16.30
C PRO C 2 17.95 -13.14 -14.78
N GLY C 3 18.94 -13.93 -14.36
CA GLY C 3 19.21 -14.15 -12.98
C GLY C 3 20.05 -13.10 -12.32
N SER C 4 20.59 -12.09 -13.06
CA SER C 4 21.58 -11.19 -12.46
C SER C 4 20.95 -10.28 -11.39
N LEU C 5 19.81 -9.63 -11.72
CA LEU C 5 19.11 -8.70 -10.86
C LEU C 5 17.62 -9.02 -10.91
N PRO C 6 17.27 -10.15 -10.30
CA PRO C 6 15.91 -10.59 -10.34
C PRO C 6 15.06 -9.75 -9.40
N HIS C 7 13.79 -9.63 -9.74
CA HIS C 7 12.89 -8.89 -8.86
C HIS C 7 12.77 -9.51 -7.46
N ASP C 8 13.04 -10.83 -7.35
CA ASP C 8 12.78 -11.63 -6.17
C ASP C 8 14.05 -12.23 -5.55
N ARG C 9 15.23 -11.65 -5.76
CA ARG C 9 16.44 -12.20 -5.16
C ARG C 9 17.44 -11.08 -4.95
N MET C 10 17.99 -11.01 -3.74
CA MET C 10 19.08 -10.10 -3.44
C MET C 10 20.37 -10.64 -4.03
N THR C 11 21.25 -9.74 -4.41
CA THR C 11 22.54 -10.08 -5.00
C THR C 11 23.69 -10.04 -3.98
N SER C 12 24.86 -10.56 -4.38
CA SER C 12 25.99 -10.51 -3.43
CA SER C 12 26.10 -10.52 -3.63
C SER C 12 26.52 -9.08 -3.30
N GLN C 13 26.38 -8.20 -4.30
CA GLN C 13 26.73 -6.78 -4.13
C GLN C 13 25.81 -6.16 -3.08
N GLU C 14 24.52 -6.51 -3.16
CA GLU C 14 23.55 -6.02 -2.16
C GLU C 14 23.83 -6.61 -0.79
N ALA C 15 24.28 -7.86 -0.76
CA ALA C 15 24.60 -8.50 0.53
C ALA C 15 25.71 -7.74 1.29
N ALA C 16 26.69 -7.17 0.56
CA ALA C 16 27.78 -6.43 1.23
C ALA C 16 27.26 -5.16 1.90
N CYS C 17 26.20 -4.58 1.37
CA CYS C 17 25.70 -3.30 1.82
C CYS C 17 24.44 -3.44 2.70
N PHE C 18 23.83 -4.63 2.69
CA PHE C 18 22.61 -4.89 3.44
C PHE C 18 22.69 -6.21 4.17
N PRO C 19 23.74 -6.43 4.98
CA PRO C 19 23.89 -7.71 5.66
C PRO C 19 22.76 -7.97 6.65
N ASP C 20 22.20 -6.89 7.22
CA ASP C 20 21.09 -6.96 8.12
C ASP C 20 19.80 -7.46 7.46
N ILE C 21 19.66 -7.21 6.13
CA ILE C 21 18.46 -7.63 5.42
C ILE C 21 18.66 -9.05 4.86
N ILE C 22 19.80 -9.32 4.20
CA ILE C 22 19.93 -10.60 3.49
C ILE C 22 19.98 -11.78 4.48
N SER C 23 20.41 -11.50 5.73
CA SER C 23 20.53 -12.50 6.77
CA SER C 23 20.55 -12.48 6.76
C SER C 23 19.19 -12.72 7.47
N GLY C 24 18.20 -11.88 7.18
CA GLY C 24 16.98 -11.83 7.97
C GLY C 24 15.83 -12.50 7.25
N PRO C 25 14.60 -12.36 7.79
CA PRO C 25 13.46 -13.11 7.26
C PRO C 25 13.11 -12.66 5.83
N GLN C 26 12.59 -13.59 5.04
CA GLN C 26 12.19 -13.32 3.66
C GLN C 26 11.21 -12.13 3.56
N GLN C 27 10.34 -11.87 4.52
CA GLN C 27 9.40 -10.77 4.35
C GLN C 27 10.11 -9.41 4.47
N THR C 28 11.16 -9.35 5.30
CA THR C 28 11.97 -8.10 5.32
C THR C 28 12.81 -8.00 4.05
N GLN C 29 13.15 -9.19 3.46
CA GLN C 29 13.80 -9.08 2.23
C GLN C 29 12.85 -8.52 1.17
N LYS C 30 11.57 -8.86 1.26
CA LYS C 30 10.63 -8.36 0.23
C LYS C 30 10.49 -6.83 0.31
N VAL C 31 10.56 -6.24 1.50
CA VAL C 31 10.49 -4.77 1.59
C VAL C 31 11.68 -4.10 0.85
N PHE C 32 12.89 -4.57 1.14
CA PHE C 32 14.08 -4.09 0.43
C PHE C 32 13.87 -4.25 -1.08
N LEU C 33 13.42 -5.43 -1.49
CA LEU C 33 13.30 -5.71 -2.91
C LEU C 33 12.29 -4.75 -3.57
N PHE C 34 11.17 -4.51 -2.90
CA PHE C 34 10.19 -3.57 -3.47
C PHE C 34 10.79 -2.17 -3.64
N ILE C 35 11.48 -1.69 -2.60
CA ILE C 35 12.07 -0.36 -2.67
C ILE C 35 13.10 -0.33 -3.83
N ARG C 36 13.97 -1.35 -3.91
CA ARG C 36 14.95 -1.36 -4.97
C ARG C 36 14.29 -1.40 -6.35
N ASN C 37 13.31 -2.30 -6.50
CA ASN C 37 12.65 -2.47 -7.78
C ASN C 37 11.92 -1.19 -8.20
N ARG C 38 11.20 -0.56 -7.27
CA ARG C 38 10.44 0.62 -7.62
C ARG C 38 11.34 1.80 -7.93
N THR C 39 12.42 1.92 -7.16
CA THR C 39 13.39 3.03 -7.43
C THR C 39 13.96 2.88 -8.85
N LEU C 40 14.35 1.65 -9.20
CA LEU C 40 14.84 1.41 -10.53
C LEU C 40 13.78 1.71 -11.59
N GLN C 41 12.53 1.33 -11.36
CA GLN C 41 11.45 1.64 -12.34
C GLN C 41 11.33 3.17 -12.48
N LEU C 42 11.36 3.93 -11.40
CA LEU C 42 11.24 5.38 -11.49
C LEU C 42 12.40 5.97 -12.30
N TRP C 43 13.62 5.49 -12.08
CA TRP C 43 14.77 5.92 -12.87
C TRP C 43 14.58 5.58 -14.36
N LEU C 44 14.25 4.31 -14.63
CA LEU C 44 14.22 3.85 -16.01
C LEU C 44 13.06 4.46 -16.78
N ASP C 45 12.00 4.94 -16.10
CA ASP C 45 10.94 5.68 -16.76
C ASP C 45 11.36 7.09 -17.17
N ASN C 46 12.45 7.62 -16.62
CA ASN C 46 12.87 8.99 -16.90
C ASN C 46 14.38 9.07 -16.72
N PRO C 47 15.18 8.35 -17.53
CA PRO C 47 16.62 8.20 -17.20
C PRO C 47 17.51 9.31 -17.71
N LYS C 48 16.92 10.45 -18.02
CA LYS C 48 17.67 11.64 -18.40
C LYS C 48 17.54 12.77 -17.40
N ILE C 49 16.93 12.52 -16.24
CA ILE C 49 16.73 13.44 -15.17
C ILE C 49 17.25 12.78 -13.89
N GLN C 50 17.89 13.55 -13.00
CA GLN C 50 18.35 13.03 -11.73
C GLN C 50 17.17 12.57 -10.89
N LEU C 51 17.24 11.32 -10.38
CA LEU C 51 16.28 10.80 -9.41
C LEU C 51 16.90 10.95 -8.02
N THR C 52 16.39 11.87 -7.23
CA THR C 52 16.97 12.14 -5.92
C THR C 52 16.36 11.22 -4.88
N PHE C 53 17.01 11.13 -3.72
CA PHE C 53 16.47 10.42 -2.58
C PHE C 53 15.14 11.01 -2.16
N GLU C 54 15.10 12.34 -1.98
CA GLU C 54 13.86 12.93 -1.50
C GLU C 54 12.72 12.68 -2.51
N ALA C 55 13.02 12.74 -3.82
CA ALA C 55 11.99 12.49 -4.80
C ALA C 55 11.51 11.03 -4.77
N THR C 56 12.46 10.12 -4.55
CA THR C 56 12.12 8.69 -4.44
C THR C 56 11.13 8.45 -3.31
N LEU C 57 11.45 9.02 -2.15
CA LEU C 57 10.59 8.86 -1.01
C LEU C 57 9.20 9.39 -1.27
N GLN C 58 9.09 10.54 -1.94
CA GLN C 58 7.77 11.12 -2.23
C GLN C 58 6.96 10.27 -3.19
N GLN C 59 7.65 9.45 -4.02
CA GLN C 59 7.02 8.65 -5.05
C GLN C 59 6.80 7.20 -4.62
N LEU C 60 7.07 6.86 -3.35
CA LEU C 60 6.78 5.55 -2.79
C LEU C 60 5.51 5.62 -1.93
N GLU C 61 4.74 4.55 -1.97
CA GLU C 61 3.54 4.38 -1.18
C GLU C 61 3.88 3.89 0.23
N ALA C 62 2.88 3.97 1.11
CA ALA C 62 2.99 3.35 2.39
C ALA C 62 2.95 1.83 2.18
N PRO C 63 3.65 1.05 3.00
CA PRO C 63 4.44 1.46 4.15
C PRO C 63 5.90 1.79 3.84
N TYR C 64 6.29 1.71 2.56
CA TYR C 64 7.69 1.95 2.18
C TYR C 64 8.14 3.36 2.52
N ASN C 65 7.25 4.30 2.36
CA ASN C 65 7.66 5.68 2.61
C ASN C 65 7.84 6.01 4.10
N SER C 66 7.57 5.05 4.98
CA SER C 66 7.75 5.27 6.40
C SER C 66 9.10 4.77 6.89
N ASP C 67 9.81 3.86 6.20
CA ASP C 67 11.15 3.45 6.69
C ASP C 67 12.15 4.27 5.87
N THR C 68 12.26 5.53 6.31
CA THR C 68 13.00 6.48 5.51
C THR C 68 14.49 6.15 5.47
N VAL C 69 15.04 5.59 6.54
CA VAL C 69 16.44 5.23 6.55
C VAL C 69 16.70 4.12 5.53
N LEU C 70 15.84 3.12 5.47
CA LEU C 70 16.03 2.06 4.51
C LEU C 70 15.92 2.60 3.06
N VAL C 71 14.94 3.47 2.81
CA VAL C 71 14.85 4.06 1.48
C VAL C 71 16.12 4.83 1.15
N HIS C 72 16.63 5.58 2.11
CA HIS C 72 17.86 6.36 1.89
C HIS C 72 19.01 5.44 1.53
N ARG C 73 19.14 4.32 2.27
CA ARG C 73 20.21 3.35 1.99
C ARG C 73 20.04 2.76 0.59
N VAL C 74 18.81 2.39 0.22
CA VAL C 74 18.66 1.77 -1.11
C VAL C 74 18.98 2.78 -2.20
N HIS C 75 18.49 4.01 -2.07
CA HIS C 75 18.78 5.05 -3.06
C HIS C 75 20.30 5.28 -3.17
N SER C 76 20.96 5.44 -2.01
CA SER C 76 22.39 5.65 -1.97
C SER C 76 23.13 4.49 -2.63
N TYR C 77 22.74 3.24 -2.28
CA TYR C 77 23.34 2.06 -2.83
C TYR C 77 23.27 2.13 -4.36
N LEU C 78 22.04 2.36 -4.86
CA LEU C 78 21.82 2.33 -6.33
C LEU C 78 22.61 3.44 -7.02
N GLU C 79 22.63 4.64 -6.45
CA GLU C 79 23.33 5.75 -7.08
C GLU C 79 24.84 5.49 -7.00
N ARG C 80 25.33 5.09 -5.82
CA ARG C 80 26.78 4.97 -5.64
C ARG C 80 27.33 3.81 -6.47
N HIS C 81 26.51 2.80 -6.79
CA HIS C 81 26.92 1.67 -7.63
C HIS C 81 26.62 1.90 -9.11
N GLY C 82 26.00 3.04 -9.46
CA GLY C 82 25.79 3.40 -10.85
C GLY C 82 24.51 2.86 -11.49
N LEU C 83 23.62 2.22 -10.73
CA LEU C 83 22.40 1.67 -11.31
C LEU C 83 21.34 2.72 -11.59
N ILE C 84 21.39 3.87 -10.89
CA ILE C 84 20.60 5.04 -11.21
C ILE C 84 21.55 6.22 -11.35
N ASN C 85 21.09 7.26 -12.05
CA ASN C 85 21.74 8.58 -12.11
C ASN C 85 23.05 8.58 -12.92
N PHE C 86 23.35 7.57 -13.71
CA PHE C 86 24.49 7.66 -14.62
C PHE C 86 24.24 8.79 -15.65
N GLY C 87 25.23 9.64 -15.80
CA GLY C 87 25.28 10.61 -16.85
C GLY C 87 24.47 11.85 -16.68
N ILE C 88 23.77 12.03 -15.58
CA ILE C 88 22.74 13.14 -15.54
C ILE C 88 23.23 14.19 -14.53
N TYR C 89 24.49 13.98 -14.08
CA TYR C 89 24.99 14.24 -12.70
C TYR C 89 26.02 15.40 -12.68
N GLY D 1 -9.80 -15.25 -24.43
CA GLY D 1 -9.39 -14.24 -23.42
C GLY D 1 -9.17 -12.89 -24.09
N PRO D 2 -8.42 -11.96 -23.43
CA PRO D 2 -8.08 -10.67 -24.06
C PRO D 2 -7.12 -10.96 -25.25
N GLY D 3 -7.46 -10.49 -26.46
CA GLY D 3 -6.59 -10.72 -27.62
C GLY D 3 -6.20 -12.17 -27.79
N SER D 4 -4.90 -12.45 -27.86
CA SER D 4 -4.36 -13.80 -28.13
C SER D 4 -4.02 -14.59 -26.86
N LEU D 5 -4.19 -13.98 -25.69
CA LEU D 5 -3.76 -14.59 -24.44
C LEU D 5 -4.88 -15.37 -23.77
N PRO D 6 -4.56 -16.51 -23.12
CA PRO D 6 -5.59 -17.26 -22.40
C PRO D 6 -5.91 -16.53 -21.10
N HIS D 7 -7.17 -16.28 -20.82
CA HIS D 7 -7.54 -15.42 -19.72
C HIS D 7 -7.20 -16.04 -18.36
N ASP D 8 -7.06 -17.38 -18.36
CA ASP D 8 -6.99 -18.18 -17.10
C ASP D 8 -5.66 -18.90 -16.93
N ARG D 9 -4.64 -18.57 -17.70
CA ARG D 9 -3.37 -19.31 -17.61
C ARG D 9 -2.24 -18.36 -17.96
N MET D 10 -1.12 -18.47 -17.23
CA MET D 10 0.08 -17.76 -17.61
C MET D 10 0.77 -18.50 -18.78
N THR D 11 1.31 -17.74 -19.70
CA THR D 11 1.92 -18.27 -20.92
C THR D 11 3.40 -18.58 -20.73
N SER D 12 3.95 -19.29 -21.75
CA SER D 12 5.37 -19.55 -21.84
C SER D 12 6.18 -18.27 -21.80
N GLN D 13 5.70 -17.24 -22.56
CA GLN D 13 6.46 -15.97 -22.58
C GLN D 13 6.42 -15.30 -21.20
N GLU D 14 5.28 -15.40 -20.54
CA GLU D 14 5.12 -14.76 -19.23
C GLU D 14 6.01 -15.48 -18.18
N ALA D 15 6.34 -16.75 -18.40
CA ALA D 15 7.23 -17.49 -17.45
C ALA D 15 8.59 -16.81 -17.38
N ALA D 16 9.11 -16.36 -18.51
CA ALA D 16 10.39 -15.67 -18.57
C ALA D 16 10.40 -14.35 -17.80
N CYS D 17 9.28 -13.64 -17.77
N CYS D 17 9.28 -13.63 -17.88
CA CYS D 17 9.41 -12.30 -17.13
CA CYS D 17 9.20 -12.26 -17.31
C CYS D 17 8.66 -12.24 -15.81
C CYS D 17 8.70 -12.27 -15.86
N PHE D 18 7.95 -13.32 -15.44
CA PHE D 18 7.28 -13.41 -14.14
C PHE D 18 7.58 -14.74 -13.47
N PRO D 19 8.87 -15.11 -13.32
CA PRO D 19 9.18 -16.41 -12.73
C PRO D 19 8.67 -16.55 -11.29
N ASP D 20 8.70 -15.41 -10.60
CA ASP D 20 8.28 -15.29 -9.23
C ASP D 20 6.76 -15.46 -9.04
N ILE D 21 5.98 -15.21 -10.08
CA ILE D 21 4.51 -15.38 -10.05
CA ILE D 21 4.50 -15.40 -10.01
C ILE D 21 4.10 -16.80 -10.49
N ILE D 22 4.67 -17.24 -11.61
CA ILE D 22 4.22 -18.48 -12.25
C ILE D 22 4.62 -19.72 -11.40
N SER D 23 5.58 -19.60 -10.49
CA SER D 23 5.99 -20.76 -9.70
C SER D 23 4.98 -21.12 -8.61
N GLY D 24 4.03 -20.21 -8.35
CA GLY D 24 3.04 -20.50 -7.36
C GLY D 24 1.89 -21.33 -7.89
N PRO D 25 1.07 -21.89 -6.97
CA PRO D 25 -0.13 -22.63 -7.39
C PRO D 25 -1.06 -21.74 -8.23
N GLN D 26 -1.81 -22.38 -9.11
CA GLN D 26 -2.66 -21.71 -10.08
C GLN D 26 -3.55 -20.61 -9.46
N GLN D 27 -4.15 -20.88 -8.30
CA GLN D 27 -5.07 -19.90 -7.70
C GLN D 27 -4.33 -18.59 -7.33
N THR D 28 -3.04 -18.69 -6.98
CA THR D 28 -2.24 -17.55 -6.55
C THR D 28 -1.80 -16.68 -7.75
N GLN D 29 -1.95 -17.17 -8.98
CA GLN D 29 -1.52 -16.42 -10.19
C GLN D 29 -2.64 -15.42 -10.66
N LYS D 30 -3.79 -15.49 -9.99
CA LYS D 30 -5.00 -14.89 -10.58
C LYS D 30 -5.00 -13.37 -10.43
N VAL D 31 -4.32 -12.79 -9.46
CA VAL D 31 -4.18 -11.35 -9.38
C VAL D 31 -3.39 -10.85 -10.61
N PHE D 32 -2.25 -11.50 -10.90
CA PHE D 32 -1.53 -11.21 -12.17
C PHE D 32 -2.47 -11.30 -13.34
N LEU D 33 -3.23 -12.37 -13.45
CA LEU D 33 -4.07 -12.57 -14.62
C LEU D 33 -5.09 -11.43 -14.75
N PHE D 34 -5.72 -11.06 -13.65
CA PHE D 34 -6.70 -9.99 -13.74
C PHE D 34 -6.04 -8.70 -14.24
N ILE D 35 -4.89 -8.36 -13.65
CA ILE D 35 -4.18 -7.13 -14.05
C ILE D 35 -3.84 -7.20 -15.55
N ARG D 36 -3.28 -8.33 -16.00
CA ARG D 36 -2.92 -8.48 -17.38
C ARG D 36 -4.15 -8.38 -18.29
N ASN D 37 -5.21 -9.10 -17.94
CA ASN D 37 -6.40 -9.12 -18.75
C ASN D 37 -7.03 -7.73 -18.83
N ARG D 38 -7.10 -7.01 -17.71
CA ARG D 38 -7.69 -5.68 -17.71
C ARG D 38 -6.84 -4.71 -18.52
N THR D 39 -5.51 -4.77 -18.38
CA THR D 39 -4.63 -3.84 -19.10
C THR D 39 -4.78 -4.05 -20.61
N LEU D 40 -4.78 -5.32 -21.05
CA LEU D 40 -4.96 -5.60 -22.47
C LEU D 40 -6.32 -5.10 -22.96
N GLN D 41 -7.36 -5.36 -22.18
CA GLN D 41 -8.69 -4.95 -22.56
C GLN D 41 -8.80 -3.41 -22.68
N LEU D 42 -8.19 -2.67 -21.76
CA LEU D 42 -8.19 -1.23 -21.81
C LEU D 42 -7.60 -0.71 -23.12
N TRP D 43 -6.49 -1.30 -23.55
CA TRP D 43 -5.88 -0.94 -24.80
CA TRP D 43 -5.88 -0.89 -24.83
C TRP D 43 -6.78 -1.28 -25.99
N LEU D 44 -7.26 -2.54 -26.04
CA LEU D 44 -8.04 -2.97 -27.19
C LEU D 44 -9.29 -2.10 -27.39
N ASP D 45 -9.88 -1.65 -26.30
CA ASP D 45 -11.09 -0.85 -26.36
C ASP D 45 -10.78 0.61 -26.64
N ASN D 46 -9.51 1.05 -26.53
CA ASN D 46 -9.14 2.48 -26.71
C ASN D 46 -7.79 2.57 -27.44
N PRO D 47 -7.65 1.97 -28.64
CA PRO D 47 -6.31 1.79 -29.22
C PRO D 47 -5.80 3.01 -30.01
N LYS D 48 -6.50 4.14 -29.96
CA LYS D 48 -6.11 5.33 -30.67
C LYS D 48 -5.24 6.27 -29.82
N ILE D 49 -5.03 5.95 -28.55
CA ILE D 49 -4.16 6.75 -27.72
C ILE D 49 -3.25 5.78 -26.94
N GLN D 50 -2.15 6.32 -26.45
CA GLN D 50 -1.24 5.55 -25.64
C GLN D 50 -1.90 5.16 -24.33
N LEU D 51 -1.84 3.86 -23.99
CA LEU D 51 -2.23 3.39 -22.65
C LEU D 51 -0.99 3.48 -21.78
N THR D 52 -0.95 4.45 -20.91
CA THR D 52 0.19 4.70 -20.06
C THR D 52 0.07 3.84 -18.80
N PHE D 53 1.21 3.71 -18.14
CA PHE D 53 1.23 3.11 -16.81
C PHE D 53 0.32 3.87 -15.83
N GLU D 54 0.34 5.20 -15.93
CA GLU D 54 -0.53 6.07 -15.10
C GLU D 54 -1.99 5.69 -15.26
N ALA D 55 -2.44 5.67 -16.52
CA ALA D 55 -3.84 5.45 -16.81
C ALA D 55 -4.23 4.03 -16.38
N THR D 56 -3.29 3.06 -16.55
CA THR D 56 -3.57 1.71 -16.16
C THR D 56 -3.81 1.61 -14.64
N LEU D 57 -2.88 2.19 -13.90
CA LEU D 57 -2.98 2.13 -12.44
C LEU D 57 -4.28 2.76 -11.97
N GLN D 58 -4.64 3.90 -12.58
CA GLN D 58 -5.88 4.62 -12.20
C GLN D 58 -7.17 3.82 -12.46
N GLN D 59 -7.16 2.95 -13.48
CA GLN D 59 -8.32 2.17 -13.88
C GLN D 59 -8.42 0.80 -13.19
N LEU D 60 -7.47 0.50 -12.28
CA LEU D 60 -7.52 -0.68 -11.38
C LEU D 60 -7.97 -0.23 -9.99
N GLU D 61 -8.79 -1.04 -9.34
CA GLU D 61 -9.22 -0.82 -7.96
C GLU D 61 -8.43 -1.77 -7.08
N ALA D 62 -8.39 -1.46 -5.79
CA ALA D 62 -7.79 -2.33 -4.81
C ALA D 62 -8.49 -3.68 -4.86
N PRO D 63 -7.77 -4.78 -4.70
CA PRO D 63 -6.35 -4.85 -4.36
C PRO D 63 -5.43 -4.90 -5.59
N TYR D 64 -6.01 -4.89 -6.79
CA TYR D 64 -5.22 -5.05 -8.03
C TYR D 64 -4.27 -3.89 -8.26
N ASN D 65 -4.64 -2.72 -7.78
CA ASN D 65 -3.80 -1.49 -7.96
C ASN D 65 -2.72 -1.40 -6.88
N SER D 66 -2.64 -2.33 -5.93
CA SER D 66 -1.85 -1.99 -4.73
CA SER D 66 -1.88 -2.11 -4.70
C SER D 66 -0.37 -2.28 -4.89
N ASP D 67 0.02 -3.25 -5.70
CA ASP D 67 1.45 -3.57 -5.88
C ASP D 67 1.93 -2.84 -7.13
N THR D 68 2.45 -1.64 -6.91
N THR D 68 2.49 -1.65 -6.96
CA THR D 68 2.83 -0.79 -7.98
CA THR D 68 2.78 -0.82 -8.11
C THR D 68 3.90 -1.40 -8.90
C THR D 68 3.92 -1.42 -8.93
N VAL D 69 4.88 -2.09 -8.28
CA VAL D 69 5.96 -2.76 -9.04
C VAL D 69 5.33 -3.80 -9.99
N LEU D 70 4.39 -4.61 -9.50
CA LEU D 70 3.78 -5.62 -10.30
C LEU D 70 3.01 -5.01 -11.50
N VAL D 71 2.19 -3.98 -11.22
CA VAL D 71 1.43 -3.36 -12.29
C VAL D 71 2.40 -2.82 -13.38
N HIS D 72 3.48 -2.17 -12.93
CA HIS D 72 4.45 -1.62 -13.87
C HIS D 72 5.05 -2.73 -14.72
N ARG D 73 5.41 -3.86 -14.10
CA ARG D 73 5.94 -5.01 -14.82
C ARG D 73 4.97 -5.54 -15.86
N VAL D 74 3.68 -5.65 -15.49
CA VAL D 74 2.69 -6.19 -16.43
C VAL D 74 2.55 -5.26 -17.64
N HIS D 75 2.40 -3.96 -17.36
CA HIS D 75 2.26 -2.99 -18.42
C HIS D 75 3.47 -3.02 -19.38
N SER D 76 4.68 -3.07 -18.78
CA SER D 76 5.91 -3.04 -19.58
C SER D 76 6.00 -4.30 -20.47
N TYR D 77 5.67 -5.47 -19.90
CA TYR D 77 5.72 -6.72 -20.61
C TYR D 77 4.78 -6.67 -21.82
N LEU D 78 3.51 -6.23 -21.59
CA LEU D 78 2.56 -6.23 -22.70
C LEU D 78 3.03 -5.31 -23.82
N GLU D 79 3.56 -4.14 -23.43
CA GLU D 79 4.05 -3.20 -24.43
C GLU D 79 5.22 -3.76 -25.21
N ARG D 80 6.17 -4.38 -24.52
CA ARG D 80 7.40 -4.91 -25.19
C ARG D 80 7.00 -5.95 -26.28
N HIS D 81 5.96 -6.73 -26.04
CA HIS D 81 5.49 -7.75 -26.98
C HIS D 81 4.52 -7.25 -28.06
N GLY D 82 4.28 -5.94 -28.07
CA GLY D 82 3.37 -5.36 -29.05
C GLY D 82 1.91 -5.64 -28.78
N LEU D 83 1.60 -6.09 -27.54
CA LEU D 83 0.23 -6.43 -27.19
C LEU D 83 -0.61 -5.21 -26.78
N ILE D 84 0.07 -4.15 -26.30
CA ILE D 84 -0.56 -2.83 -26.15
C ILE D 84 0.36 -1.82 -26.84
N ASN D 85 -0.24 -0.68 -27.21
CA ASN D 85 0.48 0.50 -27.72
C ASN D 85 1.20 0.24 -29.05
N PHE D 86 0.86 -0.83 -29.72
CA PHE D 86 1.59 -1.24 -30.94
C PHE D 86 3.07 -1.42 -30.63
N GLY D 87 3.41 -1.69 -29.37
CA GLY D 87 4.83 -1.81 -28.98
C GLY D 87 5.62 -0.51 -29.04
N ILE D 88 4.98 0.63 -29.15
CA ILE D 88 5.66 1.91 -29.33
C ILE D 88 5.57 2.66 -27.99
N TYR D 89 6.63 2.57 -27.20
CA TYR D 89 6.68 3.12 -25.86
C TYR D 89 6.77 4.65 -25.94
S SO4 E . -1.38 -2.51 28.50
O1 SO4 E . -0.77 -2.53 27.12
O2 SO4 E . -2.30 -1.41 28.48
O3 SO4 E . -2.15 -3.70 28.85
O4 SO4 E . -0.41 -1.97 29.45
S SO4 F . 25.60 -12.51 -7.43
O1 SO4 F . 24.88 -11.46 -8.01
O2 SO4 F . 25.37 -13.85 -8.14
O3 SO4 F . 25.01 -12.67 -6.07
O4 SO4 F . 27.04 -12.24 -7.39
#